data_6Z58
#
_entry.id   6Z58
#
_cell.length_a   69.599
_cell.length_b   77.680
_cell.length_c   86.209
_cell.angle_alpha   90.000
_cell.angle_beta   90.000
_cell.angle_gamma   90.000
#
_symmetry.space_group_name_H-M   'P 21 21 21'
#
loop_
_entity.id
_entity.type
_entity.pdbx_description
1 polymer 'Serine/threonine-protein kinase haspin'
2 non-polymer 8,14,18,19,22-pentazatetracyclo[13.5.2.12,6.018,21]tricosa-1(21),2,4,6(23),15(22),16,19-heptaen-7-one
3 non-polymer 'SODIUM ION'
4 non-polymer (4S)-2-METHYL-2,4-PENTANEDIOL
5 water water
#
_entity_poly.entity_id   1
_entity_poly.type   'polypeptide(L)'
_entity_poly.pdbx_seq_one_letter_code
;MHHHHHHSSGVDLGTENLYFQSMGECSQKGPVPFSHCLPTEKLQRCEKIGEGVFGEVFQTIADHTPVAIKIIAIEGPDLV
NGSHQKTFEEILPEIIISKELSLLSGEVCNRTEGFIGLNSVHCVQGSYPPLLLKAWDHYNSTKGSANDRPDFFKDDQLFI
VLEFEFGGIDLEQMRTKLSSLATAKSILHQLTASLAVAEASLRFEHRDLHWGNVLLKKTSLKKLHYTLNGKSSTIPSCGL
QVSIIDYTLSRLERDGIVVFCDVSMDEDLFTGDGDYQFDIYRLMKKENNNRWGEYHPYSNVLWLHYLTDKMLKQMTFKTK
CNTPAMKQIKRKIQEFHRTMLNFSSATDLLCQHSLFK
;
_entity_poly.pdbx_strand_id   A
#
loop_
_chem_comp.id
_chem_comp.type
_chem_comp.name
_chem_comp.formula
MPD non-polymer (4S)-2-METHYL-2,4-PENTANEDIOL 'C6 H14 O2'
NA non-polymer 'SODIUM ION' 'Na 1'
Q9B non-polymer 8,14,18,19,22-pentazatetracyclo[13.5.2.12,6.018,21]tricosa-1(21),2,4,6(23),15(22),16,19-heptaen-7-one 'C18 H19 N5 O'
#
# COMPACT_ATOMS: atom_id res chain seq x y z
N LYS A 29 -23.43 -21.82 -2.85
CA LYS A 29 -24.07 -20.59 -3.39
C LYS A 29 -23.33 -19.34 -2.84
N GLY A 30 -23.97 -18.58 -1.96
CA GLY A 30 -23.66 -17.15 -1.84
C GLY A 30 -22.82 -16.65 -0.66
N PRO A 31 -23.21 -15.49 -0.11
CA PRO A 31 -22.43 -14.93 1.00
C PRO A 31 -22.52 -15.74 2.28
N VAL A 32 -21.52 -15.59 3.14
CA VAL A 32 -21.51 -16.20 4.48
C VAL A 32 -21.76 -15.15 5.56
N PRO A 33 -22.21 -15.56 6.75
CA PRO A 33 -22.37 -14.56 7.82
C PRO A 33 -21.03 -13.99 8.27
N PHE A 34 -21.05 -12.78 8.80
CA PHE A 34 -19.85 -12.17 9.34
C PHE A 34 -19.12 -13.09 10.29
N SER A 35 -19.89 -13.82 11.09
CA SER A 35 -19.33 -14.70 12.09
C SER A 35 -18.49 -15.81 11.50
N HIS A 36 -18.67 -16.15 10.21
CA HIS A 36 -17.82 -17.10 9.52
C HIS A 36 -16.38 -16.62 9.43
N CYS A 37 -16.17 -15.36 9.05
CA CYS A 37 -14.85 -14.77 9.01
C CYS A 37 -14.38 -14.24 10.34
N LEU A 38 -15.32 -13.78 11.16
CA LEU A 38 -15.01 -13.09 12.39
C LEU A 38 -15.75 -13.71 13.57
N PRO A 39 -15.33 -14.90 13.99
CA PRO A 39 -15.87 -15.49 15.20
C PRO A 39 -15.59 -14.59 16.43
N THR A 40 -16.31 -14.80 17.52
CA THR A 40 -16.21 -13.93 18.70
C THR A 40 -14.79 -13.58 19.12
N GLU A 41 -13.93 -14.58 19.23
CA GLU A 41 -12.56 -14.36 19.75
C GLU A 41 -11.78 -13.44 18.82
N LYS A 42 -11.89 -13.69 17.51
CA LYS A 42 -11.28 -12.86 16.51
C LYS A 42 -11.85 -11.40 16.51
N LEU A 43 -13.16 -11.26 16.70
CA LEU A 43 -13.80 -9.93 16.77
C LEU A 43 -13.32 -9.18 17.99
N GLN A 44 -13.23 -9.91 19.10
CA GLN A 44 -12.81 -9.33 20.37
C GLN A 44 -11.41 -8.79 20.33
N ARG A 45 -10.57 -9.34 19.49
CA ARG A 45 -9.21 -8.83 19.36
C ARG A 45 -8.98 -7.81 18.23
N CYS A 46 -10.04 -7.40 17.54
CA CYS A 46 -9.91 -6.43 16.45
C CYS A 46 -9.53 -5.06 17.00
N GLU A 47 -8.55 -4.43 16.39
CA GLU A 47 -8.24 -3.02 16.61
C GLU A 47 -8.18 -2.38 15.26
N LYS A 48 -8.82 -1.20 15.13
CA LYS A 48 -8.80 -0.52 13.84
C LYS A 48 -7.43 0.07 13.61
N ILE A 49 -6.92 -0.12 12.42
CA ILE A 49 -5.60 0.37 12.03
C ILE A 49 -5.60 1.33 10.84
N GLY A 50 -6.70 1.46 10.10
CA GLY A 50 -6.77 2.46 9.05
C GLY A 50 -8.09 2.43 8.33
N GLU A 51 -8.19 3.31 7.33
CA GLU A 51 -9.46 3.60 6.69
C GLU A 51 -9.22 4.22 5.32
N GLY A 52 -10.29 4.32 4.58
CA GLY A 52 -10.29 5.13 3.38
C GLY A 52 -11.72 5.22 2.92
N VAL A 53 -11.94 5.82 1.76
CA VAL A 53 -13.28 5.88 1.20
C VAL A 53 -13.81 4.45 1.07
N PHE A 54 -12.94 3.49 0.72
CA PHE A 54 -13.35 2.09 0.56
C PHE A 54 -14.02 1.45 1.78
N GLY A 55 -13.72 1.93 2.98
CA GLY A 55 -14.10 1.19 4.17
C GLY A 55 -13.06 1.24 5.25
N GLU A 56 -12.81 0.08 5.88
CA GLU A 56 -12.15 0.01 7.17
C GLU A 56 -11.11 -1.10 7.20
N VAL A 57 -10.02 -0.89 7.94
CA VAL A 57 -9.01 -1.94 8.05
C VAL A 57 -8.76 -2.18 9.52
N PHE A 58 -8.79 -3.44 9.92
CA PHE A 58 -8.58 -3.84 11.30
C PHE A 58 -7.39 -4.80 11.37
N GLN A 59 -6.74 -4.84 12.51
CA GLN A 59 -5.76 -5.87 12.87
CA GLN A 59 -5.79 -5.89 12.83
C GLN A 59 -6.41 -6.79 13.88
N THR A 60 -6.14 -8.10 13.77
CA THR A 60 -6.59 -9.05 14.74
C THR A 60 -5.63 -10.25 14.75
N ILE A 61 -6.02 -11.29 15.49
CA ILE A 61 -5.22 -12.53 15.58
C ILE A 61 -6.14 -13.63 15.05
N ALA A 62 -5.61 -14.41 14.09
CA ALA A 62 -6.26 -15.61 13.52
C ALA A 62 -5.28 -16.77 13.74
N ASP A 63 -5.67 -17.80 14.49
CA ASP A 63 -4.80 -18.99 14.68
C ASP A 63 -3.39 -18.56 15.11
N HIS A 64 -3.38 -17.75 16.19
CA HIS A 64 -2.19 -17.24 16.90
C HIS A 64 -1.31 -16.38 15.98
N THR A 65 -1.90 -15.84 14.91
CA THR A 65 -1.13 -15.20 13.88
C THR A 65 -1.78 -13.82 13.62
N PRO A 66 -0.98 -12.75 13.70
CA PRO A 66 -1.57 -11.45 13.41
C PRO A 66 -1.96 -11.36 11.95
N VAL A 67 -3.08 -10.75 11.69
CA VAL A 67 -3.56 -10.47 10.36
C VAL A 67 -4.20 -9.08 10.26
N ALA A 68 -4.37 -8.60 9.02
CA ALA A 68 -5.12 -7.37 8.70
C ALA A 68 -6.34 -7.70 7.86
N ILE A 69 -7.47 -7.12 8.23
CA ILE A 69 -8.72 -7.41 7.62
C ILE A 69 -9.23 -6.11 7.00
N LYS A 70 -9.52 -6.12 5.70
CA LYS A 70 -10.00 -4.94 5.03
C LYS A 70 -11.40 -5.23 4.63
N ILE A 71 -12.34 -4.36 4.99
CA ILE A 71 -13.76 -4.64 4.84
C ILE A 71 -14.37 -3.54 3.98
N ILE A 72 -14.95 -3.96 2.90
CA ILE A 72 -15.51 -3.08 1.88
C ILE A 72 -17.00 -3.42 1.64
N ALA A 73 -17.89 -2.48 1.86
CA ALA A 73 -19.32 -2.67 1.54
C ALA A 73 -19.50 -2.76 0.03
N ILE A 74 -20.33 -3.67 -0.44
CA ILE A 74 -20.62 -3.76 -1.86
C ILE A 74 -22.11 -3.87 -2.09
N GLU A 75 -22.50 -3.46 -3.31
CA GLU A 75 -23.84 -3.72 -3.89
C GLU A 75 -25.02 -2.97 -3.29
N GLY A 76 -24.84 -2.20 -2.23
CA GLY A 76 -25.95 -1.45 -1.64
C GLY A 76 -26.17 -0.10 -2.30
N PRO A 77 -27.32 0.55 -2.04
CA PRO A 77 -27.60 1.86 -2.59
C PRO A 77 -27.14 3.06 -1.71
N ASP A 78 -26.83 2.87 -0.41
CA ASP A 78 -26.40 3.98 0.46
C ASP A 78 -25.04 4.51 0.01
N LEU A 79 -24.90 5.83 0.14
CA LEU A 79 -23.60 6.47 0.13
C LEU A 79 -22.78 6.00 1.31
N VAL A 80 -21.49 5.72 1.07
CA VAL A 80 -20.60 5.30 2.10
C VAL A 80 -19.36 6.14 1.98
N ASN A 81 -19.05 6.95 3.00
CA ASN A 81 -17.85 7.80 2.95
C ASN A 81 -17.84 8.70 1.68
N GLY A 82 -18.99 9.13 1.28
CA GLY A 82 -19.11 10.03 0.15
C GLY A 82 -19.19 9.45 -1.24
N SER A 83 -19.08 8.14 -1.36
CA SER A 83 -19.17 7.48 -2.67
C SER A 83 -20.21 6.42 -2.61
N HIS A 84 -20.73 6.10 -3.79
CA HIS A 84 -21.55 4.91 -3.94
C HIS A 84 -20.71 3.68 -3.76
N GLN A 85 -21.34 2.60 -3.33
CA GLN A 85 -20.66 1.33 -3.16
C GLN A 85 -20.35 0.70 -4.48
N LYS A 86 -19.23 0.00 -4.53
CA LYS A 86 -18.91 -0.80 -5.69
C LYS A 86 -19.77 -2.04 -5.80
N THR A 87 -19.92 -2.52 -7.02
CA THR A 87 -20.50 -3.81 -7.30
C THR A 87 -19.44 -4.85 -7.09
N PHE A 88 -19.87 -6.10 -7.02
CA PHE A 88 -18.91 -7.21 -6.87
C PHE A 88 -17.89 -7.16 -8.01
N GLU A 89 -18.41 -6.97 -9.23
CA GLU A 89 -17.57 -6.86 -10.41
CA GLU A 89 -17.61 -6.83 -10.44
C GLU A 89 -16.52 -5.78 -10.26
N GLU A 90 -16.89 -4.66 -9.64
CA GLU A 90 -15.95 -3.55 -9.47
C GLU A 90 -14.87 -3.80 -8.41
N ILE A 91 -15.03 -4.81 -7.56
CA ILE A 91 -14.03 -5.13 -6.56
C ILE A 91 -13.08 -6.16 -7.04
N LEU A 92 -13.43 -6.85 -8.13
CA LEU A 92 -12.56 -7.91 -8.62
C LEU A 92 -11.15 -7.41 -8.98
N PRO A 93 -11.03 -6.23 -9.63
CA PRO A 93 -9.67 -5.72 -9.87
C PRO A 93 -8.77 -5.71 -8.64
N GLU A 94 -9.24 -5.19 -7.52
CA GLU A 94 -8.39 -5.16 -6.33
C GLU A 94 -8.09 -6.54 -5.79
N ILE A 95 -9.07 -7.44 -5.87
CA ILE A 95 -8.83 -8.84 -5.49
C ILE A 95 -7.77 -9.48 -6.36
N ILE A 96 -7.92 -9.34 -7.68
CA ILE A 96 -6.95 -9.88 -8.63
C ILE A 96 -5.58 -9.34 -8.37
N ILE A 97 -5.49 -8.02 -8.19
CA ILE A 97 -4.19 -7.39 -8.01
C ILE A 97 -3.58 -7.87 -6.69
N SER A 98 -4.37 -7.94 -5.63
CA SER A 98 -3.85 -8.41 -4.34
C SER A 98 -3.26 -9.83 -4.46
N LYS A 99 -3.97 -10.70 -5.20
CA LYS A 99 -3.47 -12.04 -5.36
C LYS A 99 -2.15 -12.06 -6.13
N GLU A 100 -2.11 -11.40 -7.29
CA GLU A 100 -0.85 -11.33 -8.07
C GLU A 100 0.35 -10.83 -7.29
N LEU A 101 0.16 -9.76 -6.53
CA LEU A 101 1.29 -9.20 -5.76
C LEU A 101 1.74 -10.11 -4.62
N SER A 102 0.77 -10.75 -4.01
CA SER A 102 1.04 -11.78 -2.99
C SER A 102 1.85 -12.92 -3.56
N LEU A 103 1.50 -13.36 -4.78
CA LEU A 103 2.21 -14.46 -5.43
C LEU A 103 3.71 -14.19 -5.71
N LEU A 104 4.07 -12.94 -5.83
CA LEU A 104 5.47 -12.54 -6.10
C LEU A 104 6.47 -13.01 -5.05
N SER A 105 6.02 -13.25 -3.82
CA SER A 105 6.96 -13.76 -2.79
C SER A 105 7.44 -15.16 -3.06
N GLY A 106 6.68 -15.95 -3.82
CA GLY A 106 7.02 -17.32 -4.14
C GLY A 106 7.45 -17.59 -5.59
N GLU A 107 7.50 -16.57 -6.42
CA GLU A 107 7.99 -16.72 -7.78
C GLU A 107 9.55 -16.79 -7.81
N VAL A 108 10.10 -16.97 -9.01
CA VAL A 108 11.53 -17.25 -9.19
C VAL A 108 12.21 -16.16 -10.03
N CYS A 109 11.75 -15.97 -11.26
CA CYS A 109 12.37 -15.00 -12.16
C CYS A 109 12.14 -13.54 -11.73
N ASN A 110 10.92 -13.26 -11.28
CA ASN A 110 10.61 -11.99 -10.71
C ASN A 110 9.97 -12.17 -9.35
N ARG A 111 10.80 -12.03 -8.32
CA ARG A 111 10.46 -12.40 -6.95
C ARG A 111 10.71 -11.22 -6.02
N THR A 112 9.70 -10.90 -5.23
CA THR A 112 9.81 -9.92 -4.13
C THR A 112 8.82 -10.23 -3.01
N GLU A 113 9.27 -10.00 -1.78
CA GLU A 113 8.40 -10.02 -0.61
C GLU A 113 7.90 -8.63 -0.25
N GLY A 114 8.13 -7.64 -1.13
CA GLY A 114 7.89 -6.25 -0.82
C GLY A 114 6.46 -5.77 -0.93
N PHE A 115 5.54 -6.64 -1.33
CA PHE A 115 4.12 -6.36 -1.19
C PHE A 115 3.60 -7.04 0.06
N ILE A 116 2.44 -7.70 0.03
CA ILE A 116 1.88 -8.31 1.24
C ILE A 116 1.13 -9.60 0.86
N GLY A 117 1.18 -10.58 1.76
CA GLY A 117 0.42 -11.80 1.55
C GLY A 117 -1.09 -11.58 1.61
N LEU A 118 -1.79 -12.28 0.75
CA LEU A 118 -3.26 -12.34 0.78
C LEU A 118 -3.62 -13.74 1.24
N ASN A 119 -4.29 -13.83 2.36
CA ASN A 119 -4.67 -15.11 2.88
C ASN A 119 -6.01 -15.57 2.40
N SER A 120 -7.01 -14.68 2.36
CA SER A 120 -8.34 -15.11 1.95
C SER A 120 -9.21 -13.94 1.51
N VAL A 121 -10.25 -14.27 0.76
CA VAL A 121 -11.27 -13.33 0.43
C VAL A 121 -12.61 -13.97 0.64
N HIS A 122 -13.53 -13.27 1.28
CA HIS A 122 -14.90 -13.75 1.49
C HIS A 122 -15.89 -12.67 1.13
N CYS A 123 -17.06 -13.10 0.73
CA CYS A 123 -18.21 -12.21 0.65
C CYS A 123 -19.08 -12.54 1.85
N VAL A 124 -19.28 -11.53 2.71
CA VAL A 124 -20.07 -11.71 3.92
C VAL A 124 -21.33 -10.86 3.85
N GLN A 125 -22.36 -11.29 4.62
CA GLN A 125 -23.63 -10.60 4.73
C GLN A 125 -23.94 -10.36 6.19
N GLY A 126 -24.41 -9.16 6.50
CA GLY A 126 -24.85 -8.82 7.85
C GLY A 126 -24.74 -7.33 8.16
N SER A 127 -25.28 -6.93 9.29
CA SER A 127 -25.06 -5.56 9.78
C SER A 127 -23.62 -5.51 10.36
N TYR A 128 -23.09 -4.33 10.61
CA TYR A 128 -21.70 -4.26 11.07
C TYR A 128 -21.68 -4.77 12.52
N PRO A 129 -20.74 -5.69 12.82
CA PRO A 129 -20.68 -6.19 14.18
C PRO A 129 -20.40 -5.08 15.18
N PRO A 130 -21.19 -5.00 16.26
CA PRO A 130 -20.96 -4.05 17.35
C PRO A 130 -19.52 -4.00 17.85
N LEU A 131 -18.86 -5.15 17.89
CA LEU A 131 -17.48 -5.15 18.33
C LEU A 131 -16.54 -4.45 17.37
N LEU A 132 -16.82 -4.52 16.06
CA LEU A 132 -16.07 -3.69 15.16
C LEU A 132 -16.43 -2.22 15.32
N LEU A 133 -17.70 -1.88 15.56
CA LEU A 133 -18.04 -0.49 15.85
C LEU A 133 -17.28 0.00 17.09
N LYS A 134 -17.14 -0.85 18.11
CA LYS A 134 -16.40 -0.44 19.29
C LYS A 134 -14.94 -0.11 18.96
N ALA A 135 -14.31 -0.93 18.14
CA ALA A 135 -12.97 -0.66 17.65
C ALA A 135 -12.91 0.62 16.79
N TRP A 136 -13.91 0.79 15.95
CA TRP A 136 -14.06 2.00 15.13
C TRP A 136 -14.12 3.27 16.02
N ASP A 137 -14.96 3.25 17.01
CA ASP A 137 -15.10 4.31 18.00
C ASP A 137 -13.77 4.65 18.69
N HIS A 138 -12.97 3.63 19.04
CA HIS A 138 -11.73 3.87 19.78
C HIS A 138 -10.74 4.57 18.86
N TYR A 139 -10.71 4.14 17.61
CA TYR A 139 -9.90 4.80 16.61
C TYR A 139 -10.36 6.27 16.39
N ASN A 140 -11.67 6.50 16.34
CA ASN A 140 -12.16 7.85 16.15
C ASN A 140 -11.77 8.73 17.34
N SER A 141 -11.92 8.19 18.55
CA SER A 141 -11.52 8.90 19.78
C SER A 141 -10.09 9.31 19.84
N THR A 142 -9.19 8.49 19.33
CA THR A 142 -7.79 8.65 19.56
C THR A 142 -7.09 9.27 18.37
N LYS A 143 -7.45 8.88 17.16
CA LYS A 143 -6.85 9.40 15.95
C LYS A 143 -7.77 10.26 15.09
N GLY A 144 -9.08 10.19 15.28
CA GLY A 144 -10.02 10.86 14.38
C GLY A 144 -10.29 10.09 13.09
N SER A 145 -11.51 10.15 12.62
CA SER A 145 -11.88 9.45 11.38
C SER A 145 -12.47 10.42 10.41
N ALA A 146 -12.24 10.20 9.12
CA ALA A 146 -12.90 10.93 8.03
C ALA A 146 -14.10 10.14 7.48
N ASN A 147 -14.42 8.98 8.08
CA ASN A 147 -15.45 8.10 7.60
C ASN A 147 -16.75 8.24 8.38
N ASP A 148 -17.84 7.84 7.75
CA ASP A 148 -19.12 7.64 8.41
C ASP A 148 -18.99 6.44 9.34
N ARG A 149 -19.44 6.58 10.59
CA ARG A 149 -19.54 5.43 11.47
C ARG A 149 -20.41 4.36 10.76
N PRO A 150 -19.85 3.17 10.59
CA PRO A 150 -20.51 2.18 9.72
C PRO A 150 -21.62 1.41 10.46
N ASP A 151 -22.60 2.14 10.98
CA ASP A 151 -23.63 1.58 11.83
C ASP A 151 -24.98 1.57 11.16
N PHE A 152 -25.03 1.94 9.89
CA PHE A 152 -26.34 2.15 9.19
C PHE A 152 -26.61 0.94 8.24
N PHE A 153 -25.68 0.00 8.16
CA PHE A 153 -25.88 -1.13 7.29
C PHE A 153 -26.90 -2.13 7.86
N LYS A 154 -27.76 -2.66 7.00
CA LYS A 154 -28.77 -3.60 7.45
C LYS A 154 -28.28 -5.02 7.42
N ASP A 155 -29.10 -5.95 7.94
CA ASP A 155 -28.69 -7.35 8.01
C ASP A 155 -28.57 -8.07 6.64
N ASP A 156 -29.00 -7.42 5.54
CA ASP A 156 -28.82 -8.00 4.19
C ASP A 156 -27.65 -7.41 3.45
N GLN A 157 -26.88 -6.55 4.13
CA GLN A 157 -25.78 -5.86 3.49
C GLN A 157 -24.64 -6.82 3.16
N LEU A 158 -24.07 -6.66 1.94
CA LEU A 158 -22.91 -7.43 1.53
C LEU A 158 -21.64 -6.65 1.69
N PHE A 159 -20.57 -7.37 2.03
CA PHE A 159 -19.24 -6.83 2.09
C PHE A 159 -18.26 -7.84 1.48
N ILE A 160 -17.12 -7.33 1.04
CA ILE A 160 -15.96 -8.16 0.76
C ILE A 160 -15.02 -7.98 1.91
N VAL A 161 -14.51 -9.09 2.40
CA VAL A 161 -13.56 -9.09 3.48
C VAL A 161 -12.27 -9.72 2.94
N LEU A 162 -11.21 -8.94 2.86
CA LEU A 162 -9.92 -9.42 2.45
C LEU A 162 -9.05 -9.57 3.67
N GLU A 163 -8.48 -10.74 3.85
CA GLU A 163 -7.58 -10.98 4.95
C GLU A 163 -6.15 -11.07 4.45
N PHE A 164 -5.29 -10.23 4.98
CA PHE A 164 -3.94 -10.09 4.55
C PHE A 164 -3.01 -10.46 5.69
N GLU A 165 -1.81 -10.88 5.31
CA GLU A 165 -0.67 -10.89 6.20
C GLU A 165 -0.52 -9.57 6.93
N PHE A 166 -0.10 -9.60 8.20
CA PHE A 166 0.10 -8.38 8.95
C PHE A 166 1.49 -7.88 8.58
N GLY A 167 1.55 -6.65 8.06
CA GLY A 167 2.83 -6.06 7.54
C GLY A 167 3.59 -5.07 8.43
N GLY A 168 3.12 -4.83 9.65
CA GLY A 168 3.77 -3.86 10.57
C GLY A 168 3.02 -2.52 10.61
N ILE A 169 3.77 -1.42 10.70
CA ILE A 169 3.18 -0.10 10.97
C ILE A 169 3.59 0.85 9.84
N ASP A 170 2.70 1.77 9.48
CA ASP A 170 2.94 2.62 8.33
C ASP A 170 4.04 3.67 8.57
N LEU A 171 4.70 4.04 7.48
CA LEU A 171 5.80 5.02 7.50
C LEU A 171 5.41 6.38 8.12
N GLU A 172 4.20 6.87 7.80
CA GLU A 172 3.70 8.12 8.38
C GLU A 172 3.67 8.06 9.90
N GLN A 173 3.17 6.96 10.45
CA GLN A 173 3.15 6.80 11.92
C GLN A 173 4.48 6.58 12.51
N MET A 174 5.42 6.10 11.70
CA MET A 174 6.82 5.91 12.09
C MET A 174 7.76 7.09 11.78
N ARG A 175 7.19 8.24 11.41
CA ARG A 175 7.98 9.37 10.95
C ARG A 175 8.99 9.93 11.94
N THR A 176 8.79 9.71 13.24
CA THR A 176 9.76 10.13 14.25
C THR A 176 10.55 8.97 14.87
N LYS A 177 10.41 7.76 14.33
CA LYS A 177 10.88 6.54 15.02
C LYS A 177 12.04 5.87 14.37
N LEU A 178 12.44 6.27 13.17
CA LEU A 178 13.50 5.59 12.45
C LEU A 178 14.89 6.02 12.89
N SER A 179 15.83 5.12 12.71
CA SER A 179 17.13 5.27 13.23
C SER A 179 17.96 6.41 12.54
N SER A 180 18.01 6.39 11.22
CA SER A 180 18.88 7.29 10.48
C SER A 180 18.52 7.34 9.02
N LEU A 181 19.21 8.24 8.31
CA LEU A 181 19.03 8.28 6.84
C LEU A 181 19.50 6.99 6.12
N ALA A 182 20.37 6.19 6.74
CA ALA A 182 20.68 4.83 6.20
C ALA A 182 19.42 3.95 6.20
N THR A 183 18.58 4.09 7.23
CA THR A 183 17.33 3.37 7.28
C THR A 183 16.42 3.87 6.14
N ALA A 184 16.35 5.19 5.99
CA ALA A 184 15.59 5.79 4.86
C ALA A 184 16.08 5.26 3.49
N LYS A 185 17.40 5.18 3.31
CA LYS A 185 17.94 4.64 2.11
C LYS A 185 17.45 3.20 1.84
N SER A 186 17.54 2.36 2.88
CA SER A 186 17.01 0.98 2.80
C SER A 186 15.55 0.94 2.38
N ILE A 187 14.74 1.80 2.98
CA ILE A 187 13.36 1.84 2.69
C ILE A 187 13.14 2.22 1.21
N LEU A 188 13.86 3.22 0.74
CA LEU A 188 13.72 3.64 -0.69
C LEU A 188 14.12 2.54 -1.67
N HIS A 189 15.22 1.89 -1.33
CA HIS A 189 15.76 0.80 -2.11
C HIS A 189 14.77 -0.36 -2.19
N GLN A 190 14.23 -0.76 -1.04
CA GLN A 190 13.24 -1.82 -0.94
C GLN A 190 12.05 -1.49 -1.76
N LEU A 191 11.53 -0.28 -1.60
CA LEU A 191 10.36 0.12 -2.38
C LEU A 191 10.59 0.10 -3.89
N THR A 192 11.71 0.65 -4.30
CA THR A 192 12.07 0.72 -5.71
C THR A 192 12.23 -0.69 -6.28
N ALA A 193 12.92 -1.57 -5.54
CA ALA A 193 13.06 -2.93 -5.99
C ALA A 193 11.74 -3.66 -6.17
N SER A 194 10.86 -3.53 -5.17
CA SER A 194 9.59 -4.19 -5.22
C SER A 194 8.79 -3.70 -6.40
N LEU A 195 8.78 -2.40 -6.60
CA LEU A 195 8.06 -1.85 -7.74
C LEU A 195 8.65 -2.31 -9.06
N ALA A 196 9.99 -2.37 -9.15
CA ALA A 196 10.62 -2.88 -10.35
C ALA A 196 10.25 -4.30 -10.68
N VAL A 197 10.24 -5.17 -9.68
CA VAL A 197 9.87 -6.54 -9.89
C VAL A 197 8.41 -6.69 -10.39
N ALA A 198 7.50 -5.90 -9.81
CA ALA A 198 6.11 -5.90 -10.27
C ALA A 198 5.95 -5.28 -11.68
N GLU A 199 6.74 -4.27 -11.99
CA GLU A 199 6.75 -3.73 -13.39
C GLU A 199 7.14 -4.83 -14.36
N ALA A 200 8.21 -5.55 -14.02
CA ALA A 200 8.76 -6.57 -14.92
C ALA A 200 7.84 -7.71 -15.12
N SER A 201 7.19 -8.16 -14.07
CA SER A 201 6.33 -9.33 -14.16
C SER A 201 4.92 -8.99 -14.58
N LEU A 202 4.43 -7.83 -14.18
CA LEU A 202 2.97 -7.52 -14.23
C LEU A 202 2.59 -6.19 -14.86
N ARG A 203 3.59 -5.43 -15.31
CA ARG A 203 3.39 -4.05 -15.78
C ARG A 203 2.53 -3.30 -14.76
N PHE A 204 2.94 -3.43 -13.52
CA PHE A 204 2.24 -2.87 -12.38
C PHE A 204 2.52 -1.37 -12.13
N GLU A 205 1.45 -0.66 -11.79
CA GLU A 205 1.54 0.67 -11.19
C GLU A 205 0.72 0.68 -9.91
N HIS A 206 1.30 1.20 -8.85
CA HIS A 206 0.59 1.23 -7.58
C HIS A 206 -0.49 2.32 -7.60
N ARG A 207 -0.08 3.51 -8.02
CA ARG A 207 -0.95 4.69 -8.26
C ARG A 207 -1.49 5.43 -7.03
N ASP A 208 -1.12 4.99 -5.83
CA ASP A 208 -1.51 5.71 -4.63
C ASP A 208 -0.57 5.44 -3.49
N LEU A 209 0.73 5.53 -3.78
CA LEU A 209 1.70 5.12 -2.78
C LEU A 209 2.13 6.27 -1.84
N HIS A 210 1.14 6.83 -1.15
CA HIS A 210 1.40 7.77 -0.08
C HIS A 210 1.98 7.04 1.13
N TRP A 211 2.59 7.78 2.05
CA TRP A 211 3.33 7.20 3.14
C TRP A 211 2.51 6.41 4.17
N GLY A 212 1.20 6.56 4.14
CA GLY A 212 0.33 5.69 4.89
C GLY A 212 0.25 4.24 4.37
N ASN A 213 0.71 4.01 3.13
CA ASN A 213 0.65 2.71 2.45
C ASN A 213 1.99 1.95 2.36
N VAL A 214 2.97 2.46 3.07
CA VAL A 214 4.25 1.86 3.19
C VAL A 214 4.37 1.32 4.61
N LEU A 215 4.50 0.01 4.77
CA LEU A 215 4.61 -0.62 6.09
C LEU A 215 6.00 -1.06 6.40
N LEU A 216 6.33 -0.96 7.68
CA LEU A 216 7.60 -1.32 8.20
C LEU A 216 7.41 -2.34 9.31
N LYS A 217 8.23 -3.38 9.27
CA LYS A 217 8.19 -4.45 10.23
C LYS A 217 9.60 -4.80 10.55
N LYS A 218 9.88 -5.06 11.81
CA LYS A 218 11.21 -5.49 12.21
C LYS A 218 11.60 -6.83 11.56
N THR A 219 12.87 -6.97 11.20
CA THR A 219 13.42 -8.24 10.75
C THR A 219 14.81 -8.36 11.33
N SER A 220 15.18 -9.59 11.65
CA SER A 220 16.57 -9.84 12.08
C SER A 220 17.45 -10.21 10.91
N LEU A 221 16.89 -10.30 9.72
CA LEU A 221 17.73 -10.49 8.56
C LEU A 221 18.55 -9.25 8.28
N LYS A 222 19.84 -9.42 8.02
CA LYS A 222 20.68 -8.30 7.64
C LYS A 222 20.51 -7.86 6.20
N LYS A 223 20.17 -8.79 5.31
CA LYS A 223 19.99 -8.53 3.88
C LYS A 223 18.67 -9.11 3.44
N LEU A 224 18.01 -8.40 2.55
CA LEU A 224 16.80 -8.90 1.90
C LEU A 224 17.10 -9.22 0.44
N HIS A 225 16.40 -10.22 -0.10
CA HIS A 225 16.68 -10.74 -1.43
C HIS A 225 15.52 -10.46 -2.33
N TYR A 226 15.84 -10.11 -3.57
CA TYR A 226 14.82 -10.03 -4.63
C TYR A 226 15.45 -10.62 -5.88
N THR A 227 14.61 -10.95 -6.85
CA THR A 227 15.08 -11.37 -8.17
C THR A 227 14.35 -10.59 -9.22
N LEU A 228 15.10 -9.97 -10.13
CA LEU A 228 14.53 -9.17 -11.24
C LEU A 228 14.93 -9.79 -12.57
N ASN A 229 13.95 -10.19 -13.35
CA ASN A 229 14.20 -10.89 -14.62
C ASN A 229 15.34 -11.89 -14.51
N GLY A 230 15.30 -12.70 -13.47
CA GLY A 230 16.19 -13.82 -13.34
C GLY A 230 17.49 -13.48 -12.63
N LYS A 231 17.76 -12.22 -12.36
CA LYS A 231 18.99 -11.82 -11.70
C LYS A 231 18.69 -11.44 -10.26
N SER A 232 19.34 -12.13 -9.34
CA SER A 232 19.09 -11.96 -7.90
C SER A 232 20.03 -10.94 -7.30
N SER A 233 19.53 -10.14 -6.37
CA SER A 233 20.39 -9.23 -5.64
C SER A 233 19.92 -9.02 -4.22
N THR A 234 20.69 -8.27 -3.44
CA THR A 234 20.34 -8.07 -2.06
C THR A 234 20.32 -6.60 -1.68
N ILE A 235 19.59 -6.30 -0.62
CA ILE A 235 19.46 -4.96 -0.08
C ILE A 235 19.72 -5.03 1.40
N PRO A 236 20.65 -4.16 1.94
CA PRO A 236 20.76 -4.13 3.40
C PRO A 236 19.48 -3.64 4.09
N SER A 237 19.01 -4.41 5.05
CA SER A 237 17.66 -4.17 5.59
C SER A 237 17.61 -2.98 6.61
N CYS A 238 18.74 -2.68 7.25
CA CYS A 238 18.74 -1.81 8.43
C CYS A 238 17.72 -2.26 9.45
N GLY A 239 17.50 -3.57 9.55
CA GLY A 239 16.51 -4.13 10.50
C GLY A 239 15.04 -3.99 10.21
N LEU A 240 14.67 -3.53 9.01
CA LEU A 240 13.29 -3.43 8.62
C LEU A 240 13.01 -4.06 7.27
N GLN A 241 11.82 -4.64 7.17
CA GLN A 241 11.30 -5.14 5.91
CA GLN A 241 11.34 -5.08 5.87
C GLN A 241 10.10 -4.29 5.53
N VAL A 242 10.10 -3.77 4.32
CA VAL A 242 9.02 -2.94 3.81
C VAL A 242 7.94 -3.73 3.08
N SER A 243 6.68 -3.39 3.31
CA SER A 243 5.57 -3.93 2.55
C SER A 243 4.73 -2.77 1.98
N ILE A 244 4.43 -2.86 0.69
CA ILE A 244 3.63 -1.92 0.00
C ILE A 244 2.21 -2.50 -0.01
N ILE A 245 1.24 -1.70 0.43
CA ILE A 245 -0.16 -2.16 0.57
C ILE A 245 -1.14 -1.19 -0.06
N ASP A 246 -2.43 -1.55 0.01
CA ASP A 246 -3.57 -0.80 -0.56
C ASP A 246 -3.60 -0.65 -2.08
N TYR A 247 -4.23 -1.58 -2.79
CA TYR A 247 -4.22 -1.63 -4.22
C TYR A 247 -5.47 -1.12 -4.82
N THR A 248 -6.17 -0.23 -4.08
CA THR A 248 -7.46 0.36 -4.54
C THR A 248 -7.35 1.01 -5.91
N LEU A 249 -6.24 1.72 -6.17
CA LEU A 249 -6.08 2.44 -7.43
C LEU A 249 -5.14 1.76 -8.43
N SER A 250 -4.62 0.59 -8.08
CA SER A 250 -3.54 -0.01 -8.82
C SER A 250 -3.99 -0.58 -10.18
N ARG A 251 -2.99 -0.86 -10.99
CA ARG A 251 -3.16 -1.37 -12.31
C ARG A 251 -2.08 -2.41 -12.61
N LEU A 252 -2.48 -3.42 -13.38
CA LEU A 252 -1.50 -4.35 -13.91
C LEU A 252 -2.13 -5.10 -15.07
N GLU A 253 -1.38 -5.99 -15.67
CA GLU A 253 -1.91 -6.77 -16.73
C GLU A 253 -1.26 -8.13 -16.79
N ARG A 254 -1.98 -9.05 -17.41
CA ARG A 254 -1.39 -10.33 -17.67
C ARG A 254 -1.95 -10.85 -18.95
N ASP A 255 -1.05 -11.32 -19.79
CA ASP A 255 -1.35 -11.81 -21.14
C ASP A 255 -2.26 -10.86 -21.88
N GLY A 256 -1.96 -9.56 -21.71
CA GLY A 256 -2.64 -8.45 -22.42
C GLY A 256 -4.02 -8.14 -21.87
N ILE A 257 -4.35 -8.66 -20.71
CA ILE A 257 -5.62 -8.35 -20.08
C ILE A 257 -5.28 -7.40 -18.96
N VAL A 258 -5.83 -6.19 -19.03
CA VAL A 258 -5.48 -5.12 -18.08
C VAL A 258 -6.55 -5.06 -16.99
N VAL A 259 -6.10 -4.93 -15.76
CA VAL A 259 -6.96 -4.77 -14.62
C VAL A 259 -6.56 -3.44 -13.94
N PHE A 260 -7.53 -2.56 -13.70
CA PHE A 260 -7.23 -1.21 -13.20
C PHE A 260 -8.47 -0.54 -12.65
N CYS A 261 -8.23 0.56 -11.93
CA CYS A 261 -9.30 1.44 -11.47
C CYS A 261 -9.44 2.66 -12.38
N ASP A 262 -10.56 2.78 -13.06
CA ASP A 262 -10.72 3.85 -14.05
C ASP A 262 -11.18 5.14 -13.29
N VAL A 263 -10.25 6.07 -13.06
CA VAL A 263 -10.55 7.31 -12.33
C VAL A 263 -10.70 8.50 -13.29
N SER A 264 -10.93 8.22 -14.56
CA SER A 264 -10.91 9.24 -15.56
C SER A 264 -12.02 10.30 -15.37
N MET A 265 -13.12 9.93 -14.70
CA MET A 265 -14.27 10.81 -14.45
C MET A 265 -14.35 11.22 -12.98
N ASP A 266 -13.36 10.88 -12.16
CA ASP A 266 -13.30 11.40 -10.79
C ASP A 266 -12.81 12.85 -10.86
N GLU A 267 -13.50 13.74 -10.18
CA GLU A 267 -13.03 15.15 -10.10
C GLU A 267 -12.14 15.33 -8.88
N ASP A 268 -12.69 14.88 -7.74
CA ASP A 268 -12.13 15.17 -6.45
C ASP A 268 -10.72 14.65 -6.24
N LEU A 269 -10.40 13.49 -6.82
CA LEU A 269 -9.06 12.94 -6.73
C LEU A 269 -7.98 13.91 -7.19
N PHE A 270 -8.29 14.79 -8.15
CA PHE A 270 -7.33 15.70 -8.77
C PHE A 270 -7.36 17.17 -8.26
N THR A 271 -8.18 17.43 -7.24
CA THR A 271 -8.35 18.77 -6.70
C THR A 271 -7.92 18.91 -5.22
N GLY A 272 -7.07 18.01 -4.70
CA GLY A 272 -6.55 18.17 -3.35
C GLY A 272 -5.44 19.19 -3.30
N ASP A 273 -5.12 19.66 -2.10
CA ASP A 273 -4.01 20.60 -1.83
C ASP A 273 -3.47 20.35 -0.41
N GLY A 274 -2.36 21.00 -0.07
CA GLY A 274 -1.80 20.92 1.27
C GLY A 274 -0.68 19.91 1.40
N ASP A 275 -0.44 19.11 0.37
CA ASP A 275 0.62 18.11 0.41
C ASP A 275 1.00 17.73 -1.01
N TYR A 276 2.28 17.46 -1.23
CA TYR A 276 2.78 17.02 -2.52
C TYR A 276 2.02 15.76 -3.04
N GLN A 277 1.56 14.94 -2.12
CA GLN A 277 0.66 13.83 -2.42
C GLN A 277 -0.38 14.17 -3.47
N PHE A 278 -1.05 15.32 -3.29
CA PHE A 278 -2.19 15.68 -4.12
C PHE A 278 -1.74 16.17 -5.47
N ASP A 279 -0.50 16.65 -5.55
CA ASP A 279 0.09 16.94 -6.83
C ASP A 279 0.36 15.67 -7.62
N ILE A 280 0.78 14.59 -6.93
CA ILE A 280 1.05 13.35 -7.62
C ILE A 280 -0.15 12.86 -8.44
N TYR A 281 -1.37 12.98 -7.91
CA TYR A 281 -2.52 12.52 -8.67
C TYR A 281 -2.62 13.30 -9.99
N ARG A 282 -2.40 14.61 -9.92
CA ARG A 282 -2.49 15.48 -11.12
C ARG A 282 -1.36 15.15 -12.10
N LEU A 283 -0.16 14.91 -11.58
CA LEU A 283 0.99 14.58 -12.41
C LEU A 283 0.83 13.22 -13.10
N MET A 284 0.21 12.27 -12.42
CA MET A 284 -0.17 10.99 -13.06
C MET A 284 -1.11 11.21 -14.24
N LYS A 285 -2.14 12.03 -14.03
CA LYS A 285 -3.10 12.31 -15.07
C LYS A 285 -2.49 13.02 -16.28
N LYS A 286 -1.55 13.92 -16.02
CA LYS A 286 -0.80 14.54 -17.07
C LYS A 286 0.02 13.51 -17.83
N GLU A 287 0.72 12.64 -17.13
CA GLU A 287 1.56 11.62 -17.76
C GLU A 287 0.76 10.67 -18.66
N ASN A 288 -0.44 10.28 -18.21
CA ASN A 288 -1.22 9.28 -18.93
C ASN A 288 -2.33 9.82 -19.78
N ASN A 289 -2.48 11.15 -19.82
CA ASN A 289 -3.55 11.81 -20.59
C ASN A 289 -4.93 11.31 -20.25
N ASN A 290 -5.10 11.02 -18.97
CA ASN A 290 -6.35 10.53 -18.44
C ASN A 290 -6.81 9.17 -19.01
N ARG A 291 -5.85 8.38 -19.52
CA ARG A 291 -6.14 7.06 -20.01
C ARG A 291 -5.49 6.08 -19.03
N TRP A 292 -6.32 5.63 -18.09
CA TRP A 292 -5.83 4.82 -16.93
C TRP A 292 -5.60 3.33 -17.26
N GLY A 293 -6.11 2.89 -18.42
CA GLY A 293 -5.86 1.53 -18.89
C GLY A 293 -4.42 1.33 -19.35
N GLU A 294 -3.81 2.42 -19.79
CA GLU A 294 -2.48 2.32 -20.33
C GLU A 294 -1.45 2.02 -19.27
N TYR A 295 -0.30 1.53 -19.72
CA TYR A 295 0.83 1.35 -18.82
C TYR A 295 1.73 2.56 -18.84
N HIS A 296 1.91 3.20 -17.66
CA HIS A 296 2.82 4.37 -17.50
C HIS A 296 3.57 4.21 -16.22
N PRO A 297 4.65 3.42 -16.26
CA PRO A 297 5.42 3.15 -15.04
C PRO A 297 6.10 4.39 -14.45
N TYR A 298 6.12 5.49 -15.18
CA TYR A 298 6.48 6.79 -14.60
C TYR A 298 5.63 7.14 -13.37
N SER A 299 4.39 6.67 -13.28
CA SER A 299 3.64 6.90 -12.03
C SER A 299 4.37 6.34 -10.85
N ASN A 300 5.05 5.19 -11.00
CA ASN A 300 5.83 4.63 -9.87
C ASN A 300 7.00 5.56 -9.46
N VAL A 301 7.64 6.15 -10.47
CA VAL A 301 8.74 7.10 -10.23
C VAL A 301 8.19 8.31 -9.47
N LEU A 302 7.03 8.83 -9.92
CA LEU A 302 6.38 9.96 -9.20
C LEU A 302 6.15 9.64 -7.71
N TRP A 303 5.59 8.48 -7.40
CA TRP A 303 5.35 8.12 -6.00
C TRP A 303 6.67 7.98 -5.26
N LEU A 304 7.68 7.41 -5.92
CA LEU A 304 8.98 7.27 -5.25
C LEU A 304 9.59 8.65 -4.95
N HIS A 305 9.34 9.62 -5.84
CA HIS A 305 9.84 11.00 -5.64
C HIS A 305 9.12 11.60 -4.45
N TYR A 306 7.79 11.41 -4.40
CA TYR A 306 7.00 11.90 -3.30
C TYR A 306 7.50 11.32 -1.96
N LEU A 307 7.87 10.02 -1.98
CA LEU A 307 8.36 9.34 -0.79
C LEU A 307 9.75 9.82 -0.38
N THR A 308 10.63 10.04 -1.34
CA THR A 308 11.97 10.63 -1.08
C THR A 308 11.85 12.00 -0.43
N ASP A 309 10.89 12.76 -0.97
CA ASP A 309 10.56 14.08 -0.49
C ASP A 309 10.11 14.02 0.99
N LYS A 310 9.24 13.06 1.33
CA LYS A 310 8.84 12.90 2.73
C LYS A 310 10.02 12.52 3.62
N MET A 311 10.89 11.64 3.11
CA MET A 311 12.14 11.19 3.83
C MET A 311 13.04 12.41 4.18
N LEU A 312 13.14 13.37 3.27
CA LEU A 312 14.08 14.49 3.47
C LEU A 312 13.45 15.63 4.26
N LYS A 313 12.12 15.72 4.28
CA LYS A 313 11.44 16.88 4.82
C LYS A 313 10.62 16.65 6.07
N GLN A 314 10.04 15.48 6.21
CA GLN A 314 9.08 15.25 7.29
C GLN A 314 9.41 14.15 8.25
N MET A 315 10.59 13.54 8.15
CA MET A 315 10.99 12.54 9.11
C MET A 315 11.91 13.15 10.12
N THR A 316 11.92 12.60 11.33
CA THR A 316 12.91 12.94 12.36
C THR A 316 13.61 11.67 12.72
N PHE A 317 14.90 11.61 12.45
CA PHE A 317 15.69 10.44 12.71
C PHE A 317 16.26 10.49 14.11
N LYS A 318 16.37 9.31 14.71
CA LYS A 318 16.91 9.22 16.06
C LYS A 318 18.39 9.58 16.08
N THR A 319 19.13 9.21 15.05
CA THR A 319 20.52 9.64 14.88
C THR A 319 20.60 10.58 13.69
N LYS A 320 21.05 11.79 13.97
CA LYS A 320 21.23 12.78 12.92
C LYS A 320 22.42 12.43 12.08
N CYS A 321 22.45 12.99 10.89
CA CYS A 321 23.56 12.76 9.97
C CYS A 321 24.73 13.72 10.24
N ASN A 322 25.32 13.63 11.43
CA ASN A 322 26.44 14.49 11.81
C ASN A 322 27.77 13.77 11.78
N THR A 323 27.88 12.68 11.04
CA THR A 323 29.17 12.00 10.78
C THR A 323 29.39 12.10 9.27
N PRO A 324 30.63 12.01 8.81
CA PRO A 324 30.82 12.08 7.36
C PRO A 324 30.08 11.01 6.59
N ALA A 325 30.13 9.78 7.10
CA ALA A 325 29.42 8.67 6.42
C ALA A 325 27.94 8.93 6.28
N MET A 326 27.28 9.35 7.36
CA MET A 326 25.85 9.61 7.28
C MET A 326 25.50 10.86 6.43
N LYS A 327 26.34 11.91 6.47
CA LYS A 327 26.21 13.11 5.60
CA LYS A 327 26.07 13.08 5.63
C LYS A 327 26.24 12.71 4.14
N GLN A 328 27.15 11.79 3.84
CA GLN A 328 27.30 11.25 2.48
C GLN A 328 26.01 10.54 2.02
N ILE A 329 25.39 9.75 2.89
CA ILE A 329 24.11 9.12 2.56
C ILE A 329 23.05 10.19 2.28
N LYS A 330 23.05 11.24 3.09
CA LYS A 330 22.11 12.34 2.87
C LYS A 330 22.29 12.94 1.50
N ARG A 331 23.54 13.25 1.14
CA ARG A 331 23.82 13.85 -0.16
C ARG A 331 23.31 12.94 -1.32
N LYS A 332 23.55 11.63 -1.19
CA LYS A 332 23.03 10.69 -2.19
C LYS A 332 21.52 10.68 -2.30
N ILE A 333 20.83 10.74 -1.16
CA ILE A 333 19.36 10.84 -1.20
C ILE A 333 18.94 12.18 -1.81
N GLN A 334 19.61 13.27 -1.49
CA GLN A 334 19.30 14.56 -2.14
C GLN A 334 19.52 14.47 -3.66
N GLU A 335 20.58 13.79 -4.07
CA GLU A 335 20.85 13.60 -5.50
C GLU A 335 19.77 12.78 -6.19
N PHE A 336 19.33 11.75 -5.49
CA PHE A 336 18.21 10.92 -5.95
C PHE A 336 16.97 11.82 -6.15
N HIS A 337 16.66 12.63 -5.13
CA HIS A 337 15.48 13.54 -5.19
C HIS A 337 15.53 14.45 -6.41
N ARG A 338 16.74 14.93 -6.68
CA ARG A 338 16.96 15.91 -7.71
C ARG A 338 16.96 15.34 -9.12
N THR A 339 17.27 14.06 -9.27
CA THR A 339 17.46 13.49 -10.60
C THR A 339 16.46 12.41 -10.99
N MET A 340 15.79 11.82 -10.01
CA MET A 340 14.96 10.63 -10.27
C MET A 340 13.78 10.85 -11.23
N LEU A 341 13.24 12.06 -11.26
CA LEU A 341 12.15 12.34 -12.18
C LEU A 341 12.56 12.31 -13.65
N ASN A 342 13.86 12.20 -13.93
CA ASN A 342 14.32 11.93 -15.28
C ASN A 342 14.43 10.47 -15.64
N PHE A 343 13.96 9.58 -14.77
CA PHE A 343 13.96 8.16 -15.04
C PHE A 343 12.57 7.74 -15.46
N SER A 344 12.46 6.61 -16.17
CA SER A 344 11.19 6.24 -16.80
CA SER A 344 11.21 6.17 -16.82
C SER A 344 10.35 5.18 -16.05
N SER A 345 10.90 4.54 -15.03
CA SER A 345 10.24 3.47 -14.29
C SER A 345 11.03 3.20 -13.04
N ALA A 346 10.42 2.46 -12.15
CA ALA A 346 11.15 1.94 -11.01
C ALA A 346 12.31 1.03 -11.45
N THR A 347 12.09 0.26 -12.51
CA THR A 347 13.14 -0.63 -13.03
C THR A 347 14.36 0.18 -13.45
N ASP A 348 14.11 1.29 -14.18
CA ASP A 348 15.20 2.21 -14.66
C ASP A 348 15.94 2.73 -13.43
N LEU A 349 15.19 3.17 -12.42
CA LEU A 349 15.81 3.65 -11.18
C LEU A 349 16.69 2.57 -10.57
N LEU A 350 16.11 1.40 -10.41
CA LEU A 350 16.83 0.36 -9.68
C LEU A 350 18.14 -0.01 -10.39
N CYS A 351 18.02 -0.20 -11.70
CA CYS A 351 19.10 -0.71 -12.52
C CYS A 351 20.15 0.36 -12.82
N GLN A 352 19.76 1.65 -12.81
CA GLN A 352 20.67 2.71 -13.29
C GLN A 352 21.00 3.85 -12.37
N HIS A 353 20.20 4.07 -11.35
CA HIS A 353 20.45 5.18 -10.50
C HIS A 353 21.63 4.95 -9.59
N SER A 354 22.50 5.96 -9.50
CA SER A 354 23.69 5.88 -8.68
C SER A 354 23.41 5.56 -7.16
N LEU A 355 22.25 5.97 -6.63
CA LEU A 355 21.88 5.64 -5.25
C LEU A 355 22.04 4.17 -4.91
N PHE A 356 21.71 3.31 -5.87
CA PHE A 356 21.68 1.85 -5.63
C PHE A 356 22.93 1.09 -6.05
N LYS A 357 24.03 1.83 -6.25
CA LYS A 357 25.33 1.27 -6.65
C LYS A 357 26.27 1.25 -5.49
C4 Q9B B . -4.36 -2.63 3.18
C5 Q9B B . -4.33 -3.61 2.19
C6 Q9B B . -3.58 -4.77 2.36
N1 Q9B B . -0.80 -5.20 7.40
C7 Q9B B . -2.87 -4.97 3.53
C8 Q9B B . -2.91 -4.00 4.55
N2 Q9B B . -1.10 -3.93 7.74
C9 Q9B B . -3.66 -2.84 4.37
C10 Q9B B . -2.13 -4.20 5.80
C11 Q9B B . -1.46 -5.34 6.22
C12 Q9B B . -0.63 -3.27 8.86
N3 Q9B B . -1.84 0.03 8.03
C13 Q9B B . -0.95 -1.95 8.99
C14 Q9B B . -1.70 -1.32 7.99
C15 Q9B B . -2.36 0.92 7.00
N4 Q9B B . -2.21 -1.98 6.93
O Q9B B . -5.88 -1.23 2.01
C3 Q9B B . -5.11 -1.35 2.96
N Q9B B . -4.83 -0.34 3.78
C2 Q9B B . -5.45 0.98 3.67
C1 Q9B B . -5.51 1.70 5.02
C17 Q9B B . -1.90 -3.27 6.82
C16 Q9B B . -3.84 0.97 6.84
C Q9B B . -4.17 1.92 5.69
NA NA C . 5.88 -7.86 2.52
C1 MPD D . 10.80 12.78 -17.99
C2 MPD D . 10.52 11.40 -18.62
O2 MPD D . 11.02 10.42 -17.70
CM MPD D . 11.26 11.30 -19.95
C3 MPD D . 8.98 11.26 -18.82
C4 MPD D . 8.35 9.84 -18.84
O4 MPD D . 7.13 9.89 -19.63
C5 MPD D . 9.19 8.69 -19.40
#